data_8CI3
#
_entry.id   8CI3
#
_cell.length_a   91.090
_cell.length_b   91.090
_cell.length_c   121.123
_cell.angle_alpha   90.000
_cell.angle_beta   90.000
_cell.angle_gamma   90.000
#
_symmetry.space_group_name_H-M   'P 41 21 2'
#
loop_
_entity.id
_entity.type
_entity.pdbx_description
1 polymer 'Membrane cofactor protein'
2 branched 2-acetamido-2-deoxy-beta-D-glucopyranose-(1-4)-2-acetamido-2-deoxy-beta-D-glucopyranose
3 branched beta-D-mannopyranose-(1-4)-2-acetamido-2-deoxy-beta-D-glucopyranose-(1-4)-2-acetamido-2-deoxy-beta-D-glucopyranose
4 non-polymer 'CHLORIDE ION'
5 non-polymer 2-acetamido-2-deoxy-beta-D-glucopyranose
6 water water
#
_entity_poly.entity_id   1
_entity_poly.type   'polypeptide(L)'
_entity_poly.pdbx_seq_one_letter_code
;ETGCDDPPRFVSMKPQGTLKPSYSPGEQIVYECRLGFQPVTPGQVLALVCQDNNTWSSLQEGCKKRRCPTLADPTNGQVI
LVNGSTAFGSEVHYVCNNGYYLLGTNISYCEVSSGTGVNWSDNPPTCEKIHHHHHH
;
_entity_poly.pdbx_strand_id   A,B
#
# COMPACT_ATOMS: atom_id res chain seq x y z
N THR A 2 -36.95 16.41 -10.84
CA THR A 2 -36.11 16.55 -9.65
C THR A 2 -34.78 15.76 -9.78
N GLY A 3 -34.82 14.52 -10.26
CA GLY A 3 -33.60 13.80 -10.61
C GLY A 3 -33.18 12.72 -9.61
N CYS A 4 -31.88 12.35 -9.71
CA CYS A 4 -31.23 11.36 -8.87
C CYS A 4 -30.14 12.00 -8.03
N ASP A 5 -30.04 11.59 -6.76
CA ASP A 5 -29.14 12.22 -5.81
C ASP A 5 -27.91 11.37 -5.63
N ASP A 6 -27.85 10.50 -4.65
CA ASP A 6 -26.55 9.90 -4.35
C ASP A 6 -26.41 8.54 -5.01
N PRO A 7 -25.33 8.33 -5.76
CA PRO A 7 -25.13 7.04 -6.42
C PRO A 7 -24.71 5.98 -5.42
N PRO A 8 -25.15 4.74 -5.60
CA PRO A 8 -24.71 3.67 -4.69
C PRO A 8 -23.22 3.44 -4.79
N ARG A 9 -22.64 3.01 -3.66
CA ARG A 9 -21.25 2.62 -3.57
C ARG A 9 -21.12 1.14 -3.94
N PHE A 10 -20.05 0.81 -4.65
CA PHE A 10 -19.90 -0.56 -5.13
C PHE A 10 -18.70 -1.22 -4.47
N VAL A 11 -18.72 -2.55 -4.51
CA VAL A 11 -17.62 -3.33 -3.93
C VAL A 11 -16.35 -3.18 -4.76
N SER A 12 -16.45 -3.31 -6.08
CA SER A 12 -15.30 -3.50 -6.94
C SER A 12 -15.03 -2.34 -7.89
N MET A 13 -15.90 -1.34 -7.93
CA MET A 13 -15.81 -0.24 -8.89
C MET A 13 -15.87 1.08 -8.13
N LYS A 14 -15.49 2.16 -8.80
CA LYS A 14 -15.65 3.53 -8.33
C LYS A 14 -15.99 4.43 -9.51
N PRO A 15 -16.60 5.60 -9.26
CA PRO A 15 -16.85 6.55 -10.36
C PRO A 15 -15.54 6.98 -11.01
N GLN A 16 -15.56 7.03 -12.34
CA GLN A 16 -14.34 7.31 -13.10
C GLN A 16 -13.86 8.74 -12.87
N GLY A 17 -14.78 9.71 -12.88
CA GLY A 17 -14.46 11.08 -12.61
C GLY A 17 -14.99 11.54 -11.27
N THR A 18 -15.17 12.85 -11.14
CA THR A 18 -15.61 13.42 -9.89
C THR A 18 -17.13 13.60 -9.93
N LEU A 19 -17.78 13.27 -8.80
CA LEU A 19 -19.23 13.30 -8.74
C LEU A 19 -19.73 14.71 -8.45
N LYS A 20 -20.85 15.06 -9.05
CA LYS A 20 -21.52 16.31 -8.76
C LYS A 20 -22.70 16.06 -7.82
N PRO A 21 -23.27 17.11 -7.21
CA PRO A 21 -24.26 16.87 -6.14
C PRO A 21 -25.53 16.20 -6.64
N SER A 22 -26.10 16.71 -7.72
CA SER A 22 -27.35 16.18 -8.27
C SER A 22 -27.12 15.72 -9.69
N TYR A 23 -27.96 14.79 -10.12
CA TYR A 23 -28.00 14.32 -11.50
C TYR A 23 -29.43 14.40 -11.99
N SER A 24 -29.59 14.73 -13.27
CA SER A 24 -30.92 14.78 -13.88
C SER A 24 -31.15 13.55 -14.76
N PRO A 25 -32.40 13.24 -15.08
CA PRO A 25 -32.70 12.10 -15.97
C PRO A 25 -31.90 12.14 -17.26
N GLY A 26 -31.29 10.99 -17.59
CA GLY A 26 -30.51 10.85 -18.79
C GLY A 26 -29.02 10.97 -18.57
N GLU A 27 -28.60 11.50 -17.44
CA GLU A 27 -27.18 11.60 -17.15
C GLU A 27 -26.68 10.27 -16.63
N GLN A 28 -25.40 10.01 -16.88
CA GLN A 28 -24.83 8.73 -16.51
C GLN A 28 -23.52 8.95 -15.79
N ILE A 29 -23.21 8.01 -14.90
CA ILE A 29 -21.93 7.94 -14.20
C ILE A 29 -21.21 6.71 -14.71
N VAL A 30 -20.03 6.91 -15.26
CA VAL A 30 -19.20 5.79 -15.71
C VAL A 30 -18.31 5.35 -14.56
N TYR A 31 -18.29 4.04 -14.33
CA TYR A 31 -17.51 3.42 -13.28
C TYR A 31 -16.29 2.74 -13.87
N GLU A 32 -15.33 2.47 -13.02
CA GLU A 32 -14.11 1.80 -13.42
C GLU A 32 -13.64 0.96 -12.24
N CYS A 33 -12.80 -0.03 -12.52
CA CYS A 33 -12.33 -0.90 -11.46
C CYS A 33 -11.56 -0.11 -10.43
N ARG A 34 -11.76 -0.46 -9.17
CA ARG A 34 -10.91 0.05 -8.11
C ARG A 34 -9.49 -0.46 -8.32
N LEU A 35 -8.55 0.26 -7.73
CA LEU A 35 -7.20 -0.22 -7.56
C LEU A 35 -7.22 -1.64 -7.00
N GLY A 36 -6.46 -2.53 -7.61
CA GLY A 36 -6.40 -3.88 -7.15
C GLY A 36 -7.47 -4.81 -7.67
N PHE A 37 -8.37 -4.32 -8.51
CA PHE A 37 -9.43 -5.09 -9.14
C PHE A 37 -9.28 -5.05 -10.65
N GLN A 38 -9.85 -6.04 -11.34
CA GLN A 38 -9.81 -6.13 -12.79
C GLN A 38 -11.20 -6.38 -13.34
N PRO A 39 -11.44 -6.04 -14.62
CA PRO A 39 -12.76 -6.30 -15.22
C PRO A 39 -13.11 -7.77 -15.28
N VAL A 40 -14.38 -8.07 -14.96
CA VAL A 40 -14.91 -9.42 -15.10
C VAL A 40 -14.98 -9.83 -16.57
N THR A 41 -15.36 -8.90 -17.43
CA THR A 41 -15.31 -9.11 -18.88
C THR A 41 -14.68 -7.89 -19.51
N PRO A 42 -13.41 -7.96 -19.93
CA PRO A 42 -12.72 -6.76 -20.44
C PRO A 42 -13.48 -6.07 -21.56
N GLY A 43 -13.30 -4.75 -21.66
CA GLY A 43 -14.01 -3.91 -22.61
C GLY A 43 -15.42 -3.50 -22.21
N GLN A 44 -16.09 -4.27 -21.34
CA GLN A 44 -17.46 -3.97 -20.92
C GLN A 44 -17.53 -2.58 -20.26
N VAL A 45 -18.44 -1.74 -20.76
CA VAL A 45 -18.60 -0.39 -20.21
C VAL A 45 -19.56 -0.45 -19.03
N LEU A 46 -19.10 0.04 -17.89
CA LEU A 46 -19.85 -0.01 -16.64
C LEU A 46 -20.38 1.38 -16.34
N ALA A 47 -21.70 1.52 -16.28
CA ALA A 47 -22.29 2.84 -16.08
C ALA A 47 -23.63 2.73 -15.37
N LEU A 48 -23.92 3.74 -14.56
CA LEU A 48 -25.26 3.99 -14.04
C LEU A 48 -25.91 5.08 -14.86
N VAL A 49 -27.21 4.97 -15.07
CA VAL A 49 -27.98 5.99 -15.78
C VAL A 49 -29.06 6.50 -14.84
N CYS A 50 -29.19 7.83 -14.75
CA CYS A 50 -30.30 8.42 -14.02
C CYS A 50 -31.53 8.36 -14.90
N GLN A 51 -32.55 7.65 -14.45
CA GLN A 51 -33.66 7.28 -15.31
C GLN A 51 -34.82 8.25 -15.16
N ASP A 52 -35.80 8.09 -16.05
CA ASP A 52 -36.95 8.98 -16.04
C ASP A 52 -37.78 8.81 -14.77
N ASN A 53 -37.87 7.56 -14.24
CA ASN A 53 -38.58 7.43 -12.96
C ASN A 53 -37.76 7.95 -11.77
N ASN A 54 -36.68 8.68 -12.05
CA ASN A 54 -35.82 9.32 -11.06
C ASN A 54 -35.07 8.33 -10.17
N THR A 55 -34.96 7.08 -10.58
CA THR A 55 -34.13 6.10 -9.91
C THR A 55 -32.78 5.99 -10.62
N TRP A 56 -31.81 5.43 -9.90
CA TRP A 56 -30.59 4.98 -10.54
C TRP A 56 -30.82 3.59 -11.15
N SER A 57 -30.30 3.38 -12.36
CA SER A 57 -30.45 2.09 -12.99
C SER A 57 -29.64 1.05 -12.23
N SER A 58 -29.77 -0.21 -12.63
CA SER A 58 -29.13 -1.32 -11.92
C SER A 58 -27.81 -1.65 -12.60
N LEU A 59 -26.73 -1.66 -11.83
CA LEU A 59 -25.42 -1.97 -12.36
C LEU A 59 -24.88 -3.19 -11.63
N GLN A 60 -24.59 -4.23 -12.37
CA GLN A 60 -23.92 -5.40 -11.80
C GLN A 60 -22.47 -5.06 -11.51
N GLU A 61 -21.98 -5.57 -10.39
CA GLU A 61 -20.56 -5.52 -10.04
C GLU A 61 -19.72 -5.97 -11.23
N GLY A 62 -18.86 -5.09 -11.73
CA GLY A 62 -18.19 -5.35 -12.98
C GLY A 62 -16.75 -5.80 -12.89
N CYS A 63 -16.21 -5.92 -11.68
CA CYS A 63 -14.78 -6.14 -11.48
C CYS A 63 -14.60 -7.13 -10.33
N LYS A 64 -13.40 -7.70 -10.27
CA LYS A 64 -13.05 -8.74 -9.29
C LYS A 64 -11.64 -8.52 -8.78
N LYS A 65 -11.40 -8.94 -7.55
CA LYS A 65 -10.11 -8.70 -6.91
C LYS A 65 -8.99 -9.42 -7.67
N ARG A 66 -7.95 -8.66 -8.05
CA ARG A 66 -6.79 -9.25 -8.69
C ARG A 66 -6.05 -10.19 -7.74
N ARG A 67 -5.22 -11.06 -8.33
CA ARG A 67 -4.34 -11.96 -7.62
C ARG A 67 -2.89 -11.70 -7.97
N CYS A 68 -2.03 -11.73 -6.95
CA CYS A 68 -0.61 -11.83 -7.15
C CYS A 68 -0.19 -13.26 -7.52
N PRO A 69 0.95 -13.41 -8.20
CA PRO A 69 1.44 -14.74 -8.56
C PRO A 69 1.64 -15.60 -7.34
N THR A 70 1.44 -16.92 -7.52
CA THR A 70 1.73 -17.85 -6.44
C THR A 70 3.23 -17.88 -6.21
N LEU A 71 3.59 -18.40 -5.06
CA LEU A 71 4.94 -18.30 -4.57
C LEU A 71 5.35 -19.67 -4.10
N ALA A 72 6.59 -20.04 -4.40
CA ALA A 72 7.14 -21.32 -3.98
C ALA A 72 7.81 -21.16 -2.63
N ASP A 73 7.95 -22.28 -1.95
CA ASP A 73 8.77 -22.32 -0.75
C ASP A 73 10.22 -22.02 -1.13
N PRO A 74 10.92 -21.18 -0.37
CA PRO A 74 12.37 -21.08 -0.56
C PRO A 74 13.01 -22.39 -0.14
N THR A 75 14.19 -22.66 -0.70
CA THR A 75 14.91 -23.86 -0.29
C THR A 75 15.23 -23.79 1.20
N ASN A 76 14.85 -24.85 1.92
CA ASN A 76 15.08 -25.02 3.35
C ASN A 76 14.17 -24.12 4.20
N GLY A 77 13.02 -23.78 3.62
CA GLY A 77 12.06 -22.98 4.35
C GLY A 77 10.71 -23.03 3.67
N GLN A 78 9.89 -22.03 3.96
CA GLN A 78 8.49 -22.17 3.61
C GLN A 78 7.83 -20.80 3.54
N VAL A 79 6.84 -20.68 2.66
CA VAL A 79 6.01 -19.49 2.58
C VAL A 79 4.62 -19.85 3.07
N ILE A 80 4.01 -18.96 3.86
CA ILE A 80 2.73 -19.22 4.49
C ILE A 80 1.73 -18.20 3.95
N LEU A 81 0.71 -18.70 3.27
CA LEU A 81 -0.37 -17.88 2.76
C LEU A 81 -1.35 -17.67 3.92
N VAL A 82 -0.95 -16.79 4.84
CA VAL A 82 -1.74 -16.59 6.06
C VAL A 82 -3.16 -16.12 5.79
N ASN A 83 -3.40 -15.48 4.65
CA ASN A 83 -4.76 -15.03 4.37
C ASN A 83 -5.55 -15.98 3.50
N GLY A 84 -4.98 -17.13 3.14
CA GLY A 84 -5.69 -18.11 2.36
C GLY A 84 -5.61 -17.93 0.86
N SER A 85 -4.88 -16.93 0.37
CA SER A 85 -4.78 -16.72 -1.07
C SER A 85 -3.69 -15.68 -1.36
N THR A 86 -3.54 -15.36 -2.64
CA THR A 86 -2.65 -14.30 -3.09
C THR A 86 -3.43 -13.12 -3.64
N ALA A 87 -4.69 -13.00 -3.24
CA ALA A 87 -5.50 -11.85 -3.65
C ALA A 87 -4.86 -10.53 -3.18
N PHE A 88 -5.13 -9.48 -3.95
CA PHE A 88 -4.80 -8.12 -3.58
C PHE A 88 -5.16 -7.84 -2.13
N GLY A 89 -4.25 -7.23 -1.40
CA GLY A 89 -4.48 -6.89 -0.02
C GLY A 89 -4.11 -7.98 0.96
N SER A 90 -3.57 -9.10 0.48
CA SER A 90 -3.11 -10.19 1.33
C SER A 90 -1.62 -10.05 1.56
N GLU A 91 -1.12 -10.79 2.55
CA GLU A 91 0.30 -10.89 2.81
C GLU A 91 0.70 -12.36 2.92
N VAL A 92 2.00 -12.62 2.79
CA VAL A 92 2.57 -13.94 3.00
C VAL A 92 3.70 -13.83 4.00
N HIS A 93 3.93 -14.92 4.73
CA HIS A 93 4.98 -14.95 5.74
C HIS A 93 6.02 -16.00 5.35
N TYR A 94 7.29 -15.62 5.35
CA TYR A 94 8.36 -16.57 5.11
C TYR A 94 8.98 -17.02 6.42
N VAL A 95 9.28 -18.31 6.51
CA VAL A 95 9.98 -18.87 7.66
C VAL A 95 11.04 -19.83 7.14
N CYS A 96 12.01 -20.12 7.98
CA CYS A 96 13.07 -21.02 7.61
C CYS A 96 13.04 -22.22 8.55
N ASN A 97 13.59 -23.33 8.07
CA ASN A 97 13.69 -24.53 8.88
C ASN A 97 14.79 -24.38 9.91
N ASN A 98 14.75 -25.25 10.92
CA ASN A 98 15.80 -25.28 11.93
C ASN A 98 17.18 -25.40 11.30
N GLY A 99 18.13 -24.63 11.84
CA GLY A 99 19.47 -24.57 11.31
C GLY A 99 19.65 -23.55 10.21
N TYR A 100 18.57 -22.90 9.78
CA TYR A 100 18.63 -21.92 8.72
C TYR A 100 18.19 -20.55 9.23
N TYR A 101 18.67 -19.52 8.56
CA TYR A 101 18.44 -18.13 8.93
C TYR A 101 17.86 -17.37 7.75
N LEU A 102 16.77 -16.65 7.98
CA LEU A 102 16.06 -15.98 6.92
C LEU A 102 16.79 -14.69 6.53
N LEU A 103 17.26 -14.65 5.29
CA LEU A 103 18.01 -13.53 4.75
C LEU A 103 17.14 -12.86 3.70
N GLY A 104 16.71 -11.63 3.99
CA GLY A 104 15.78 -10.92 3.15
C GLY A 104 14.57 -10.51 3.95
N THR A 105 13.49 -10.19 3.26
CA THR A 105 12.24 -9.78 3.87
C THR A 105 11.37 -10.99 4.23
N ASN A 106 10.78 -10.96 5.43
CA ASN A 106 10.03 -12.11 5.92
C ASN A 106 8.52 -11.99 5.71
N ILE A 107 8.01 -10.80 5.43
CA ILE A 107 6.60 -10.59 5.11
C ILE A 107 6.54 -9.89 3.77
N SER A 108 5.68 -10.36 2.89
CA SER A 108 5.54 -9.69 1.61
C SER A 108 4.06 -9.46 1.33
N TYR A 109 3.76 -8.36 0.64
CA TYR A 109 2.40 -7.84 0.51
C TYR A 109 2.00 -7.79 -0.95
N CYS A 110 0.75 -8.15 -1.25
CA CYS A 110 0.23 -8.05 -2.61
C CYS A 110 -0.38 -6.66 -2.83
N GLU A 111 0.30 -5.83 -3.62
CA GLU A 111 -0.01 -4.42 -3.80
C GLU A 111 -0.16 -4.09 -5.27
N VAL A 112 -0.81 -2.95 -5.55
CA VAL A 112 -0.78 -2.35 -6.89
C VAL A 112 0.65 -1.97 -7.25
N SER A 113 1.10 -2.42 -8.43
CA SER A 113 2.43 -2.12 -8.95
C SER A 113 2.40 -0.99 -9.98
N SER A 114 1.63 -1.18 -11.04
CA SER A 114 1.26 -0.11 -11.95
C SER A 114 -0.26 -0.06 -12.02
N GLY A 115 -0.79 0.97 -12.69
CA GLY A 115 -2.24 1.14 -12.81
C GLY A 115 -2.99 -0.14 -13.12
N THR A 116 -2.49 -0.90 -14.10
CA THR A 116 -2.91 -2.27 -14.31
C THR A 116 -1.84 -3.18 -13.74
N GLY A 117 -2.22 -3.99 -12.75
CA GLY A 117 -1.33 -4.99 -12.21
C GLY A 117 -1.13 -4.91 -10.71
N VAL A 118 -1.12 -6.07 -10.07
CA VAL A 118 -0.63 -6.20 -8.70
C VAL A 118 0.72 -6.92 -8.75
N ASN A 119 1.50 -6.76 -7.69
CA ASN A 119 2.73 -7.52 -7.49
C ASN A 119 3.06 -7.57 -6.00
N TRP A 120 3.97 -8.48 -5.66
CA TRP A 120 4.41 -8.64 -4.29
C TRP A 120 5.36 -7.51 -3.96
N SER A 121 5.24 -6.99 -2.73
CA SER A 121 6.03 -5.84 -2.31
C SER A 121 7.53 -6.15 -2.27
N ASP A 122 7.89 -7.40 -2.00
CA ASP A 122 9.28 -7.80 -1.80
C ASP A 122 9.58 -9.12 -2.47
N ASN A 123 10.85 -9.31 -2.86
CA ASN A 123 11.31 -10.59 -3.36
C ASN A 123 11.34 -11.62 -2.23
N PRO A 124 11.42 -12.91 -2.58
CA PRO A 124 11.49 -13.92 -1.54
C PRO A 124 12.82 -13.86 -0.84
N PRO A 125 12.86 -14.16 0.44
CA PRO A 125 14.13 -14.31 1.14
C PRO A 125 14.73 -15.68 0.85
N THR A 126 15.93 -15.93 1.36
CA THR A 126 16.49 -17.26 1.30
C THR A 126 16.78 -17.74 2.71
N CYS A 127 16.99 -19.03 2.84
CA CYS A 127 17.28 -19.63 4.12
C CYS A 127 18.74 -20.08 4.07
N GLU A 128 19.59 -19.40 4.81
CA GLU A 128 21.03 -19.64 4.79
C GLU A 128 21.43 -20.54 5.95
N LYS A 129 22.35 -21.47 5.69
CA LYS A 129 22.81 -22.37 6.73
C LYS A 129 23.64 -21.61 7.79
N ILE A 130 23.63 -22.13 9.03
CA ILE A 130 24.34 -21.46 10.14
C ILE A 130 25.45 -22.31 10.78
N THR B 2 38.89 23.96 -0.87
CA THR B 2 37.52 24.45 -0.84
C THR B 2 36.57 23.44 -0.15
N GLY B 3 36.32 22.28 -0.76
CA GLY B 3 35.66 21.18 -0.09
C GLY B 3 34.34 20.80 -0.75
N CYS B 4 33.46 20.19 0.05
CA CYS B 4 32.11 19.79 -0.37
C CYS B 4 31.08 20.60 0.41
N ASP B 5 30.01 20.99 -0.27
CA ASP B 5 29.04 21.92 0.32
C ASP B 5 27.72 21.27 0.69
N ASP B 6 26.80 21.16 -0.27
CA ASP B 6 25.44 20.74 0.00
C ASP B 6 25.27 19.25 -0.24
N PRO B 7 25.08 18.44 0.80
CA PRO B 7 24.78 17.02 0.58
C PRO B 7 23.40 16.86 -0.01
N PRO B 8 23.22 15.95 -0.98
CA PRO B 8 21.88 15.73 -1.54
C PRO B 8 20.91 15.23 -0.48
N ARG B 9 19.65 15.66 -0.61
CA ARG B 9 18.58 15.08 0.18
C ARG B 9 18.06 13.83 -0.50
N PHE B 10 17.77 12.81 0.29
CA PHE B 10 17.39 11.53 -0.27
C PHE B 10 15.90 11.28 -0.08
N VAL B 11 15.41 10.34 -0.89
CA VAL B 11 14.02 9.90 -0.81
C VAL B 11 13.76 9.26 0.55
N SER B 12 14.56 8.26 0.92
CA SER B 12 14.26 7.39 2.05
C SER B 12 15.14 7.60 3.27
N MET B 13 16.19 8.42 3.17
CA MET B 13 17.13 8.63 4.26
C MET B 13 17.25 10.11 4.55
N LYS B 14 17.75 10.41 5.75
CA LYS B 14 18.12 11.75 6.19
C LYS B 14 19.41 11.64 6.99
N PRO B 15 20.18 12.72 7.09
CA PRO B 15 21.39 12.69 7.91
C PRO B 15 21.05 12.34 9.36
N GLN B 16 21.92 11.54 9.97
CA GLN B 16 21.67 11.10 11.34
C GLN B 16 21.72 12.27 12.32
N GLY B 17 22.76 13.11 12.22
CA GLY B 17 22.92 14.26 13.07
C GLY B 17 22.62 15.55 12.34
N THR B 18 23.19 16.65 12.87
CA THR B 18 22.96 17.97 12.31
C THR B 18 24.09 18.34 11.36
N LEU B 19 23.72 18.91 10.21
CA LEU B 19 24.68 19.26 9.18
C LEU B 19 25.34 20.61 9.48
N LYS B 20 26.60 20.73 9.08
CA LYS B 20 27.37 21.96 9.20
C LYS B 20 27.48 22.65 7.84
N PRO B 21 27.86 23.93 7.81
CA PRO B 21 27.84 24.67 6.52
C PRO B 21 28.70 24.05 5.44
N SER B 22 29.94 23.65 5.74
CA SER B 22 30.84 23.12 4.74
C SER B 22 31.54 21.87 5.26
N TYR B 23 31.88 20.98 4.34
CA TYR B 23 32.60 19.75 4.65
C TYR B 23 33.91 19.70 3.86
N SER B 24 34.92 19.09 4.46
CA SER B 24 36.23 18.92 3.86
C SER B 24 36.44 17.48 3.42
N PRO B 25 37.34 17.23 2.46
CA PRO B 25 37.55 15.86 1.99
C PRO B 25 37.96 14.91 3.13
N GLY B 26 37.39 13.71 3.10
CA GLY B 26 37.60 12.71 4.12
C GLY B 26 36.47 12.61 5.12
N GLU B 27 35.80 13.73 5.40
CA GLU B 27 34.68 13.71 6.32
C GLU B 27 33.51 12.95 5.71
N GLN B 28 32.66 12.38 6.57
CA GLN B 28 31.52 11.60 6.11
C GLN B 28 30.26 12.01 6.86
N ILE B 29 29.15 12.01 6.13
CA ILE B 29 27.81 12.18 6.69
C ILE B 29 27.16 10.82 6.73
N VAL B 30 26.76 10.39 7.91
CA VAL B 30 26.04 9.14 8.06
C VAL B 30 24.55 9.40 7.87
N TYR B 31 23.89 8.51 7.17
CA TYR B 31 22.46 8.62 6.91
C TYR B 31 21.72 7.53 7.67
N GLU B 32 20.43 7.76 7.85
CA GLU B 32 19.56 6.83 8.53
C GLU B 32 18.18 6.91 7.90
N CYS B 33 17.40 5.84 8.08
CA CYS B 33 16.06 5.81 7.50
C CYS B 33 15.22 6.94 8.07
N ARG B 34 14.37 7.49 7.20
CA ARG B 34 13.37 8.43 7.68
C ARG B 34 12.34 7.69 8.55
N LEU B 35 11.57 8.48 9.28
CA LEU B 35 10.36 7.99 9.91
C LEU B 35 9.55 7.21 8.89
N GLY B 36 9.15 5.99 9.26
CA GLY B 36 8.25 5.27 8.38
C GLY B 36 8.95 4.48 7.27
N PHE B 37 10.27 4.47 7.25
CA PHE B 37 11.06 3.63 6.37
C PHE B 37 11.87 2.65 7.20
N GLN B 38 12.44 1.66 6.53
CA GLN B 38 13.27 0.64 7.15
C GLN B 38 14.38 0.29 6.18
N PRO B 39 15.51 -0.23 6.67
CA PRO B 39 16.62 -0.59 5.79
C PRO B 39 16.25 -1.62 4.71
N VAL B 40 16.76 -1.38 3.49
CA VAL B 40 16.63 -2.31 2.38
C VAL B 40 17.42 -3.58 2.68
N THR B 41 18.63 -3.43 3.19
CA THR B 41 19.45 -4.56 3.64
C THR B 41 20.01 -4.23 5.01
N PRO B 42 19.37 -4.72 6.08
CA PRO B 42 19.79 -4.35 7.44
C PRO B 42 21.27 -4.61 7.69
N GLY B 43 21.85 -3.78 8.54
CA GLY B 43 23.27 -3.82 8.82
C GLY B 43 24.08 -2.89 7.95
N GLN B 44 23.69 -2.76 6.68
CA GLN B 44 24.46 -1.97 5.71
C GLN B 44 24.58 -0.52 6.15
N VAL B 45 25.82 -0.06 6.29
CA VAL B 45 26.07 1.30 6.76
C VAL B 45 25.89 2.27 5.59
N LEU B 46 25.09 3.31 5.80
CA LEU B 46 24.74 4.28 4.77
C LEU B 46 25.47 5.58 5.07
N ALA B 47 26.28 6.05 4.13
CA ALA B 47 27.01 7.29 4.37
C ALA B 47 27.51 7.89 3.05
N LEU B 48 27.54 9.22 3.03
CA LEU B 48 28.25 9.99 2.02
C LEU B 48 29.62 10.36 2.55
N VAL B 49 30.60 10.45 1.66
CA VAL B 49 31.96 10.86 2.02
C VAL B 49 32.40 11.94 1.05
N CYS B 50 32.81 13.09 1.59
CA CYS B 50 33.46 14.10 0.77
C CYS B 50 34.79 13.55 0.29
N GLN B 51 34.89 13.29 -1.00
CA GLN B 51 36.08 12.66 -1.56
C GLN B 51 37.16 13.71 -1.83
N ASP B 52 38.26 13.25 -2.42
CA ASP B 52 39.36 14.15 -2.72
C ASP B 52 39.13 14.98 -3.99
N ASN B 53 38.30 14.50 -4.92
CA ASN B 53 37.94 15.30 -6.08
C ASN B 53 36.82 16.30 -5.77
N ASN B 54 36.60 16.62 -4.50
CA ASN B 54 35.63 17.60 -4.01
C ASN B 54 34.19 17.27 -4.39
N THR B 55 33.92 16.06 -4.87
CA THR B 55 32.56 15.62 -5.10
C THR B 55 32.06 14.83 -3.90
N TRP B 56 30.74 14.70 -3.81
CA TRP B 56 30.16 13.77 -2.86
C TRP B 56 30.15 12.38 -3.48
N SER B 57 30.44 11.37 -2.67
CA SER B 57 30.49 10.00 -3.16
C SER B 57 29.11 9.53 -3.61
N SER B 58 29.07 8.34 -4.20
CA SER B 58 27.83 7.77 -4.71
C SER B 58 27.20 6.88 -3.63
N LEU B 59 25.99 7.22 -3.22
CA LEU B 59 25.26 6.49 -2.19
C LEU B 59 23.92 6.06 -2.77
N GLN B 60 23.75 4.74 -2.95
CA GLN B 60 22.46 4.20 -3.35
C GLN B 60 21.40 4.49 -2.29
N GLU B 61 20.15 4.56 -2.71
CA GLU B 61 19.05 4.72 -1.76
C GLU B 61 18.97 3.49 -0.86
N GLY B 62 18.93 3.72 0.44
CA GLY B 62 19.20 2.64 1.36
C GLY B 62 18.01 2.10 2.12
N CYS B 63 16.90 2.83 2.12
CA CYS B 63 15.73 2.45 2.89
C CYS B 63 14.52 2.30 1.98
N LYS B 64 13.41 1.87 2.59
CA LYS B 64 12.21 1.52 1.86
C LYS B 64 11.04 1.69 2.81
N LYS B 65 9.91 2.10 2.23
CA LYS B 65 8.75 2.47 3.01
C LYS B 65 8.23 1.25 3.79
N ARG B 66 8.10 1.40 5.10
CA ARG B 66 7.48 0.36 5.90
C ARG B 66 6.05 0.17 5.47
N ARG B 67 5.49 -0.98 5.88
CA ARG B 67 4.12 -1.39 5.59
C ARG B 67 3.37 -1.67 6.87
N CYS B 68 2.11 -1.26 6.88
CA CYS B 68 1.21 -1.67 7.93
C CYS B 68 0.66 -3.07 7.67
N PRO B 69 0.20 -3.75 8.73
CA PRO B 69 -0.39 -5.08 8.54
C PRO B 69 -1.62 -5.02 7.64
N THR B 70 -1.85 -6.11 6.89
CA THR B 70 -3.03 -6.18 6.03
C THR B 70 -4.29 -6.29 6.89
N LEU B 71 -5.42 -5.99 6.28
CA LEU B 71 -6.67 -5.80 7.00
C LEU B 71 -7.76 -6.66 6.39
N ALA B 72 -8.60 -7.24 7.23
CA ALA B 72 -9.73 -8.04 6.76
C ALA B 72 -10.97 -7.19 6.66
N ASP B 73 -11.84 -7.55 5.72
CA ASP B 73 -13.16 -6.96 5.65
C ASP B 73 -13.90 -7.22 6.96
N PRO B 74 -14.48 -6.21 7.58
CA PRO B 74 -15.38 -6.50 8.72
C PRO B 74 -16.54 -7.35 8.24
N THR B 75 -17.07 -8.16 9.14
CA THR B 75 -18.29 -8.89 8.82
C THR B 75 -19.36 -7.89 8.39
N ASN B 76 -20.03 -8.23 7.29
CA ASN B 76 -21.12 -7.46 6.70
C ASN B 76 -20.63 -6.13 6.15
N GLY B 77 -19.37 -6.07 5.78
CA GLY B 77 -18.83 -4.86 5.19
C GLY B 77 -17.52 -5.11 4.47
N GLN B 78 -16.75 -4.06 4.32
CA GLN B 78 -15.58 -4.15 3.45
C GLN B 78 -14.57 -3.06 3.84
N VAL B 79 -13.28 -3.38 3.68
CA VAL B 79 -12.20 -2.43 3.81
C VAL B 79 -11.63 -2.21 2.42
N ILE B 80 -11.43 -0.93 2.05
CA ILE B 80 -11.01 -0.51 0.73
C ILE B 80 -9.63 0.13 0.88
N LEU B 81 -8.63 -0.51 0.28
CA LEU B 81 -7.28 0.03 0.21
C LEU B 81 -7.27 1.04 -0.92
N VAL B 82 -7.74 2.25 -0.61
CA VAL B 82 -7.92 3.30 -1.61
C VAL B 82 -6.60 3.72 -2.23
N ASN B 83 -5.48 3.49 -1.57
CA ASN B 83 -4.20 3.85 -2.13
C ASN B 83 -3.45 2.66 -2.72
N GLY B 84 -4.07 1.48 -2.73
CA GLY B 84 -3.45 0.35 -3.37
C GLY B 84 -2.44 -0.40 -2.54
N SER B 85 -2.31 -0.08 -1.25
CA SER B 85 -1.34 -0.78 -0.43
C SER B 85 -1.60 -0.41 1.02
N THR B 86 -0.81 -1.01 1.92
CA THR B 86 -0.78 -0.63 3.33
C THR B 86 0.54 0.07 3.70
N ALA B 87 1.18 0.67 2.71
CA ALA B 87 2.45 1.37 2.96
C ALA B 87 2.23 2.57 3.86
N PHE B 88 3.26 2.88 4.64
CA PHE B 88 3.32 4.08 5.45
C PHE B 88 2.74 5.28 4.72
N GLY B 89 1.82 5.97 5.38
CA GLY B 89 1.26 7.19 4.80
C GLY B 89 0.12 6.97 3.84
N SER B 90 -0.43 5.75 3.78
CA SER B 90 -1.66 5.42 3.08
C SER B 90 -2.81 5.37 4.07
N GLU B 91 -4.04 5.31 3.54
CA GLU B 91 -5.23 5.15 4.36
C GLU B 91 -6.15 4.08 3.78
N VAL B 92 -7.04 3.58 4.64
CA VAL B 92 -8.06 2.63 4.23
C VAL B 92 -9.42 3.15 4.66
N HIS B 93 -10.43 2.84 3.85
CA HIS B 93 -11.81 3.21 4.14
C HIS B 93 -12.63 1.98 4.50
N TYR B 94 -13.46 2.09 5.53
CA TYR B 94 -14.37 1.04 5.90
C TYR B 94 -15.79 1.42 5.51
N VAL B 95 -16.52 0.44 4.97
CA VAL B 95 -17.89 0.63 4.52
C VAL B 95 -18.68 -0.59 4.97
N CYS B 96 -19.98 -0.42 5.11
CA CYS B 96 -20.86 -1.49 5.55
C CYS B 96 -21.90 -1.79 4.48
N ASN B 97 -22.38 -3.04 4.46
CA ASN B 97 -23.40 -3.41 3.49
C ASN B 97 -24.76 -2.86 3.90
N ASN B 98 -25.69 -2.87 2.96
CA ASN B 98 -27.03 -2.36 3.24
C ASN B 98 -27.67 -3.15 4.36
N GLY B 99 -28.41 -2.44 5.22
CA GLY B 99 -28.94 -3.00 6.43
C GLY B 99 -28.03 -2.85 7.63
N TYR B 100 -26.82 -2.36 7.44
CA TYR B 100 -25.80 -2.32 8.48
C TYR B 100 -25.24 -0.92 8.58
N TYR B 101 -24.93 -0.52 9.81
CA TYR B 101 -24.29 0.75 10.08
C TYR B 101 -22.91 0.53 10.67
N LEU B 102 -22.05 1.51 10.44
CA LEU B 102 -20.65 1.43 10.82
C LEU B 102 -20.50 1.91 12.25
N LEU B 103 -19.94 1.05 13.10
CA LEU B 103 -19.70 1.32 14.52
C LEU B 103 -18.19 1.45 14.69
N GLY B 104 -17.72 2.68 14.75
CA GLY B 104 -16.32 2.94 14.92
C GLY B 104 -15.83 3.99 13.96
N THR B 105 -14.55 3.88 13.63
CA THR B 105 -13.87 4.83 12.77
C THR B 105 -13.88 4.31 11.35
N ASN B 106 -14.21 5.18 10.39
CA ASN B 106 -14.36 4.70 9.01
C ASN B 106 -13.13 4.94 8.15
N ILE B 107 -12.14 5.67 8.65
CA ILE B 107 -10.85 5.83 7.98
C ILE B 107 -9.76 5.46 8.95
N SER B 108 -8.83 4.62 8.53
CA SER B 108 -7.65 4.36 9.34
C SER B 108 -6.42 4.71 8.52
N TYR B 109 -5.38 5.24 9.19
CA TYR B 109 -4.19 5.79 8.55
C TYR B 109 -2.99 4.95 8.96
N CYS B 110 -2.09 4.65 8.04
CA CYS B 110 -0.85 3.96 8.42
C CYS B 110 0.20 4.98 8.85
N GLU B 111 0.54 4.98 10.14
CA GLU B 111 1.33 6.03 10.77
C GLU B 111 2.51 5.42 11.51
N VAL B 112 3.52 6.25 11.81
CA VAL B 112 4.59 5.82 12.71
C VAL B 112 4.03 5.61 14.10
N SER B 113 4.33 4.45 14.70
CA SER B 113 3.84 4.09 16.03
C SER B 113 4.90 4.17 17.11
N SER B 114 6.11 3.66 16.84
CA SER B 114 7.27 3.86 17.69
C SER B 114 8.44 4.26 16.78
N GLY B 115 9.63 4.40 17.37
CA GLY B 115 10.80 4.71 16.56
C GLY B 115 10.99 3.75 15.41
N THR B 116 10.98 2.46 15.69
CA THR B 116 10.82 1.43 14.68
C THR B 116 9.39 0.91 14.79
N GLY B 117 8.63 1.05 13.71
CA GLY B 117 7.27 0.56 13.69
C GLY B 117 6.28 1.51 13.07
N VAL B 118 5.39 0.96 12.26
CA VAL B 118 4.18 1.63 11.81
C VAL B 118 2.98 0.83 12.31
N ASN B 119 1.84 1.50 12.46
CA ASN B 119 0.58 0.80 12.68
C ASN B 119 -0.57 1.69 12.28
N TRP B 120 -1.76 1.09 12.21
CA TRP B 120 -2.96 1.81 11.82
C TRP B 120 -3.36 2.71 12.97
N SER B 121 -3.89 3.88 12.63
CA SER B 121 -4.25 4.85 13.65
C SER B 121 -5.47 4.42 14.46
N ASP B 122 -6.35 3.58 13.90
CA ASP B 122 -7.60 3.20 14.56
C ASP B 122 -7.83 1.69 14.38
N ASN B 123 -8.46 1.08 15.39
CA ASN B 123 -8.92 -0.29 15.26
C ASN B 123 -10.03 -0.38 14.21
N PRO B 124 -10.28 -1.57 13.67
CA PRO B 124 -11.35 -1.71 12.68
C PRO B 124 -12.71 -1.46 13.32
N PRO B 125 -13.62 -0.80 12.61
CA PRO B 125 -15.00 -0.73 13.08
C PRO B 125 -15.70 -2.06 12.88
N THR B 126 -16.91 -2.15 13.42
CA THR B 126 -17.80 -3.26 13.06
C THR B 126 -18.96 -2.72 12.25
N CYS B 127 -19.73 -3.65 11.70
CA CYS B 127 -20.97 -3.36 10.98
C CYS B 127 -22.09 -4.03 11.74
N GLU B 128 -23.00 -3.23 12.29
CA GLU B 128 -24.06 -3.74 13.14
C GLU B 128 -25.41 -3.58 12.45
N LYS B 129 -26.33 -4.47 12.79
CA LYS B 129 -27.64 -4.50 12.15
C LYS B 129 -28.52 -3.35 12.65
N ILE B 130 -29.41 -2.88 11.78
CA ILE B 130 -30.25 -1.70 12.05
C ILE B 130 -31.68 -2.04 12.51
#